data_6OBX
#
_entry.id   6OBX
#
_cell.length_a   52.420
_cell.length_b   68.220
_cell.length_c   130.330
_cell.angle_alpha   90.00
_cell.angle_beta   90.00
_cell.angle_gamma   90.00
#
_symmetry.space_group_name_H-M   'P 21 21 21'
#
loop_
_entity.id
_entity.type
_entity.pdbx_description
1 polymer 'Pancreatic alpha-amylase'
2 non-polymer 'CHLORIDE ION'
3 non-polymer 'CALCIUM ION'
4 non-polymer 'N-(3-{[2-(3,4-dihydroxyphenyl)-5,7-dihydroxy-4-oxo-4H-1-benzopyran-3-yl]oxy}propyl)-Nalpha-[(2E)-3-(3,4-dihydroxyphenyl )prop-2-enoyl]-L-tyrosinamide'
5 non-polymer (4S)-2-METHYL-2,4-PENTANEDIOL
6 non-polymer 2-acetamido-2-deoxy-beta-D-glucopyranose
7 water water
#
_entity_poly.entity_id   1
_entity_poly.type   'polypeptide(L)'
_entity_poly.pdbx_seq_one_letter_code
;(PCA)YSPNTQQGRTSIVHLFEWRWVDIALECERYLAPKGFGGVQVSPPNENVAIYNPFRPWWERYQPVSYKLCTRSGNE
DEFRNMVTRCNNVGVRIYVDAVINHMCGNAVSAGTSSTCGSYFNPGSRDFPAVPYSGWDFNDGKCKTGSGDIENYNDATQ
VRDCRLTGLLDLALEKDYVRSKIAEYMNHLIDIGVAGFRLDASKHMWPGDIKAILDKLHNLNSNWFPAGSKPFIYQEVID
LGGEPIKSSDYFGNGRVTEFKYGAKLGTVIRKWNGEKMSYLKNWGEGWGFVPSDRALVFVDNHDNQRGHGAGGASILTFW
DARLYKMAVGFMLAHPYGFTRVMSSYRWPRQFQNGNDVNDWVGPPNNNGVIKEVTINPDTTCGNDWVCEHRWRQIRNMVI
FRNVVDGQPFTNWYDNGSNQVAFGRGNRGFIVFNNDDWSFSLTLQTGLPAGTYCDVISGDKINGNCTGIKIYVSDDGKAH
FSISNSAEDPFIAIHAESKL
;
_entity_poly.pdbx_strand_id   A
#
loop_
_chem_comp.id
_chem_comp.type
_chem_comp.name
_chem_comp.formula
CA non-polymer 'CALCIUM ION' 'Ca 2'
CL non-polymer 'CHLORIDE ION' 'Cl -1'
MPD non-polymer (4S)-2-METHYL-2,4-PENTANEDIOL 'C6 H14 O2'
NAG D-saccharide, beta linking 2-acetamido-2-deoxy-beta-D-glucopyranose 'C8 H15 N O6'
ZXU non-polymer 'N-(3-{[2-(3,4-dihydroxyphenyl)-5,7-dihydroxy-4-oxo-4H-1-benzopyran-3-yl]oxy}propyl)-Nalpha-[(2E)-3-(3,4-dihydroxyphenyl )prop-2-enoyl]-L-tyrosinamide' 'C36 H32 N2 O12'
#
# COMPACT_ATOMS: atom_id res chain seq x y z
N PCA A 1 -13.31 -12.07 -3.33
CA PCA A 1 -12.45 -11.25 -2.49
CB PCA A 1 -12.32 -12.06 -1.18
CG PCA A 1 -12.42 -13.52 -1.54
CD PCA A 1 -13.27 -13.43 -2.76
OE PCA A 1 -13.83 -14.43 -3.24
C PCA A 1 -11.08 -10.95 -3.08
O PCA A 1 -10.30 -10.18 -2.51
H PCA A 1 -13.78 -11.78 -4.14
HA PCA A 1 -12.91 -10.41 -2.29
HB2 PCA A 1 -11.45 -11.86 -0.76
HB3 PCA A 1 -13.02 -11.80 -0.57
HG2 PCA A 1 -11.55 -13.92 -1.70
HG3 PCA A 1 -12.89 -14.02 -0.83
N TYR A 2 -10.76 -11.54 -4.23
CA TYR A 2 -9.43 -11.46 -4.82
C TYR A 2 -9.30 -10.38 -5.89
N SER A 3 -10.41 -9.97 -6.46
CA SER A 3 -10.48 -8.97 -7.51
CA SER A 3 -10.46 -8.96 -7.50
C SER A 3 -10.56 -7.57 -6.87
N PRO A 4 -9.82 -6.58 -7.37
CA PRO A 4 -9.84 -5.27 -6.71
C PRO A 4 -11.13 -4.46 -6.95
N ASN A 5 -11.93 -4.78 -7.95
CA ASN A 5 -13.14 -4.01 -8.26
C ASN A 5 -12.81 -2.63 -8.79
N THR A 6 -11.61 -2.45 -9.32
CA THR A 6 -11.32 -1.22 -10.05
C THR A 6 -11.98 -1.28 -11.41
N GLN A 7 -12.09 -0.12 -12.05
CA GLN A 7 -12.49 -0.12 -13.45
C GLN A 7 -11.47 -0.89 -14.27
N GLN A 8 -11.97 -1.50 -15.35
CA GLN A 8 -11.08 -2.21 -16.25
C GLN A 8 -10.02 -1.25 -16.74
N GLY A 9 -8.77 -1.71 -16.76
CA GLY A 9 -7.72 -0.88 -17.27
C GLY A 9 -7.12 0.03 -16.23
N ARG A 10 -7.60 -0.03 -14.97
CA ARG A 10 -6.90 0.62 -13.86
C ARG A 10 -6.33 -0.44 -12.92
N THR A 11 -5.03 -0.39 -12.70
CA THR A 11 -4.30 -1.53 -12.15
C THR A 11 -3.54 -1.27 -10.84
N SER A 12 -3.65 -0.09 -10.25
CA SER A 12 -2.98 0.19 -8.98
C SER A 12 -3.88 0.91 -8.00
N ILE A 13 -3.53 0.79 -6.73
CA ILE A 13 -4.09 1.65 -5.70
CA ILE A 13 -4.08 1.60 -5.65
C ILE A 13 -2.97 2.49 -5.10
N VAL A 14 -3.35 3.63 -4.54
CA VAL A 14 -2.42 4.50 -3.83
C VAL A 14 -2.85 4.63 -2.38
N HIS A 15 -1.88 4.53 -1.45
CA HIS A 15 -2.15 4.79 -0.04
C HIS A 15 -1.99 6.27 0.25
N LEU A 16 -3.10 6.99 0.42
CA LEU A 16 -3.04 8.41 0.77
C LEU A 16 -3.02 8.50 2.29
N PHE A 17 -1.83 8.23 2.83
CA PHE A 17 -1.61 8.00 4.25
C PHE A 17 -1.88 9.28 5.03
N GLU A 18 -2.85 9.20 5.95
CA GLU A 18 -3.25 10.30 6.84
C GLU A 18 -3.90 11.48 6.12
N TRP A 19 -4.27 11.35 4.85
CA TRP A 19 -4.99 12.43 4.19
C TRP A 19 -6.40 12.57 4.76
N ARG A 20 -6.87 13.81 4.76
CA ARG A 20 -8.24 14.14 5.10
C ARG A 20 -9.19 13.74 3.97
N TRP A 21 -10.43 13.42 4.34
CA TRP A 21 -11.42 12.99 3.35
C TRP A 21 -11.66 14.03 2.27
N VAL A 22 -11.75 15.31 2.64
CA VAL A 22 -12.03 16.32 1.63
C VAL A 22 -10.90 16.41 0.61
N ASP A 23 -9.66 16.21 1.06
CA ASP A 23 -8.52 16.26 0.14
C ASP A 23 -8.50 15.05 -0.77
N ILE A 24 -8.85 13.88 -0.25
CA ILE A 24 -8.93 12.70 -1.10
C ILE A 24 -10.02 12.88 -2.16
N ALA A 25 -11.18 13.42 -1.77
CA ALA A 25 -12.26 13.65 -2.73
C ALA A 25 -11.79 14.53 -3.86
N LEU A 26 -11.12 15.63 -3.54
CA LEU A 26 -10.57 16.52 -4.56
C LEU A 26 -9.53 15.81 -5.40
N GLU A 27 -8.66 15.02 -4.75
CA GLU A 27 -7.61 14.32 -5.47
C GLU A 27 -8.18 13.31 -6.46
N CYS A 28 -9.26 12.61 -6.07
CA CYS A 28 -9.95 11.72 -7.00
C CYS A 28 -10.31 12.46 -8.28
N GLU A 29 -10.93 13.63 -8.14
CA GLU A 29 -11.48 14.37 -9.27
C GLU A 29 -10.39 15.03 -10.11
N ARG A 30 -9.40 15.63 -9.48
CA ARG A 30 -8.43 16.46 -10.19
C ARG A 30 -7.23 15.68 -10.70
N TYR A 31 -6.97 14.48 -10.18
CA TYR A 31 -5.72 13.79 -10.50
CA TYR A 31 -5.73 13.79 -10.50
C TYR A 31 -5.90 12.28 -10.69
N LEU A 32 -6.47 11.61 -9.69
CA LEU A 32 -6.48 10.15 -9.75
C LEU A 32 -7.30 9.64 -10.93
N ALA A 33 -8.47 10.23 -11.17
CA ALA A 33 -9.29 9.84 -12.31
C ALA A 33 -8.57 10.09 -13.62
N PRO A 34 -8.13 11.32 -13.93
CA PRO A 34 -7.50 11.53 -15.25
C PRO A 34 -6.20 10.78 -15.43
N LYS A 35 -5.46 10.49 -14.37
CA LYS A 35 -4.17 9.82 -14.50
C LYS A 35 -4.26 8.32 -14.35
N GLY A 36 -5.47 7.75 -14.26
CA GLY A 36 -5.61 6.31 -14.40
C GLY A 36 -5.40 5.49 -13.14
N PHE A 37 -5.44 6.09 -11.96
CA PHE A 37 -5.30 5.32 -10.73
C PHE A 37 -6.58 4.54 -10.42
N GLY A 38 -6.42 3.31 -9.92
CA GLY A 38 -7.57 2.49 -9.66
C GLY A 38 -8.32 2.83 -8.38
N GLY A 39 -7.61 3.26 -7.34
CA GLY A 39 -8.28 3.53 -6.08
C GLY A 39 -7.30 3.98 -5.03
N VAL A 40 -7.85 4.19 -3.84
CA VAL A 40 -7.16 4.78 -2.71
C VAL A 40 -7.36 3.91 -1.48
N GLN A 41 -6.26 3.56 -0.80
CA GLN A 41 -6.33 3.06 0.57
C GLN A 41 -6.34 4.25 1.50
N VAL A 42 -7.39 4.34 2.32
CA VAL A 42 -7.53 5.40 3.31
C VAL A 42 -7.03 4.92 4.66
N SER A 43 -6.61 5.87 5.49
CA SER A 43 -6.30 5.59 6.88
C SER A 43 -7.56 5.14 7.61
N PRO A 44 -7.41 4.46 8.76
CA PRO A 44 -8.58 3.94 9.47
C PRO A 44 -9.63 5.02 9.67
N PRO A 45 -10.89 4.80 9.27
CA PRO A 45 -11.89 5.88 9.35
C PRO A 45 -12.70 5.86 10.64
N ASN A 46 -12.42 4.92 11.52
CA ASN A 46 -13.13 4.79 12.78
C ASN A 46 -12.41 5.53 13.92
N GLU A 47 -13.19 5.93 14.90
CA GLU A 47 -12.71 6.70 16.05
C GLU A 47 -11.60 5.97 16.77
N ASN A 48 -10.56 6.74 17.11
CA ASN A 48 -9.36 6.20 17.74
C ASN A 48 -8.99 7.03 18.97
N VAL A 49 -8.05 6.50 19.76
CA VAL A 49 -7.52 7.22 20.91
C VAL A 49 -6.78 8.46 20.43
N ALA A 50 -7.04 9.58 21.09
CA ALA A 50 -6.25 10.78 20.89
C ALA A 50 -5.09 10.72 21.89
N ILE A 51 -3.88 10.56 21.37
CA ILE A 51 -2.67 10.38 22.18
C ILE A 51 -1.89 11.69 22.13
N TYR A 52 -1.65 12.27 23.31
CA TYR A 52 -0.96 13.56 23.41
C TYR A 52 0.49 13.44 23.85
N ASN A 53 0.88 12.31 24.42
CA ASN A 53 2.28 12.00 24.67
C ASN A 53 2.66 10.66 24.00
N PRO A 54 3.42 10.70 22.89
CA PRO A 54 3.88 11.89 22.16
C PRO A 54 2.70 12.55 21.43
N PHE A 55 2.94 13.67 20.74
CA PHE A 55 1.85 14.48 20.25
C PHE A 55 1.27 13.92 18.95
N ARG A 56 0.08 13.33 19.06
CA ARG A 56 -0.73 12.89 17.91
C ARG A 56 0.08 12.03 16.93
N PRO A 57 0.65 10.93 17.39
CA PRO A 57 1.45 10.10 16.51
C PRO A 57 0.58 9.43 15.45
N TRP A 58 1.20 9.04 14.33
CA TRP A 58 0.41 8.38 13.29
C TRP A 58 -0.21 7.11 13.84
N TRP A 59 0.47 6.43 14.74
CA TRP A 59 0.00 5.12 15.17
C TRP A 59 -1.17 5.19 16.15
N GLU A 60 -1.59 6.38 16.60
CA GLU A 60 -2.81 6.43 17.40
C GLU A 60 -4.01 5.92 16.62
N ARG A 61 -3.97 5.99 15.28
CA ARG A 61 -5.12 5.56 14.48
C ARG A 61 -5.27 4.06 14.42
N TYR A 62 -4.33 3.31 14.98
CA TYR A 62 -4.41 1.86 15.05
C TYR A 62 -4.83 1.40 16.44
N GLN A 63 -5.40 2.32 17.22
CA GLN A 63 -5.96 2.04 18.55
C GLN A 63 -7.42 2.47 18.57
N PRO A 64 -8.33 1.60 18.14
CA PRO A 64 -9.75 1.98 18.10
C PRO A 64 -10.39 2.24 19.47
N VAL A 65 -11.33 3.19 19.47
CA VAL A 65 -12.24 3.45 20.58
C VAL A 65 -13.68 3.11 20.25
N SER A 66 -14.08 3.26 18.98
CA SER A 66 -15.41 2.88 18.55
C SER A 66 -15.36 2.68 17.05
N TYR A 67 -16.54 2.40 16.47
CA TYR A 67 -16.71 2.30 15.02
C TYR A 67 -17.41 3.51 14.43
N LYS A 68 -17.54 4.59 15.19
CA LYS A 68 -18.01 5.85 14.63
C LYS A 68 -17.01 6.35 13.61
N LEU A 69 -17.51 6.93 12.52
CA LEU A 69 -16.64 7.37 11.41
C LEU A 69 -16.21 8.82 11.63
N CYS A 70 -15.36 9.01 12.63
CA CYS A 70 -15.08 10.34 13.17
C CYS A 70 -13.62 10.36 13.64
N THR A 71 -12.76 10.98 12.83
CA THR A 71 -11.32 10.92 12.98
C THR A 71 -10.74 12.28 12.60
N ARG A 72 -9.41 12.42 12.74
CA ARG A 72 -8.75 13.61 12.23
C ARG A 72 -8.89 13.78 10.73
N SER A 73 -9.22 12.73 9.98
CA SER A 73 -9.46 12.88 8.54
C SER A 73 -10.83 13.47 8.23
N GLY A 74 -11.77 13.40 9.15
CA GLY A 74 -13.09 13.95 8.95
C GLY A 74 -14.17 13.13 9.62
N ASN A 75 -15.41 13.61 9.45
CA ASN A 75 -16.59 12.98 10.04
C ASN A 75 -17.30 12.10 9.03
N GLU A 76 -18.45 11.53 9.43
CA GLU A 76 -19.13 10.56 8.56
C GLU A 76 -19.62 11.22 7.29
N ASP A 77 -20.16 12.43 7.39
CA ASP A 77 -20.65 13.10 6.20
C ASP A 77 -19.52 13.35 5.23
N GLU A 78 -18.35 13.74 5.75
CA GLU A 78 -17.19 13.97 4.88
C GLU A 78 -16.68 12.67 4.27
N PHE A 79 -16.72 11.59 5.03
CA PHE A 79 -16.31 10.29 4.51
C PHE A 79 -17.23 9.84 3.39
N ARG A 80 -18.56 9.94 3.61
CA ARG A 80 -19.49 9.56 2.55
C ARG A 80 -19.33 10.45 1.32
N ASN A 81 -19.16 11.75 1.52
CA ASN A 81 -18.95 12.66 0.39
C ASN A 81 -17.75 12.23 -0.44
N MET A 82 -16.64 11.85 0.22
CA MET A 82 -15.45 11.37 -0.47
C MET A 82 -15.74 10.10 -1.26
N VAL A 83 -16.36 9.12 -0.62
CA VAL A 83 -16.62 7.86 -1.31
C VAL A 83 -17.50 8.08 -2.54
N THR A 84 -18.54 8.87 -2.38
CA THR A 84 -19.44 9.17 -3.50
C THR A 84 -18.71 9.85 -4.64
N ARG A 85 -17.93 10.90 -4.32
CA ARG A 85 -17.24 11.66 -5.35
C ARG A 85 -16.19 10.83 -6.06
N CYS A 86 -15.45 10.00 -5.30
CA CYS A 86 -14.45 9.12 -5.91
C CYS A 86 -15.12 8.06 -6.79
N ASN A 87 -16.15 7.39 -6.28
CA ASN A 87 -16.83 6.40 -7.11
C ASN A 87 -17.43 7.04 -8.37
N ASN A 88 -17.91 8.28 -8.27
CA ASN A 88 -18.53 8.92 -9.43
C ASN A 88 -17.52 9.23 -10.53
N VAL A 89 -16.23 9.27 -10.22
CA VAL A 89 -15.20 9.40 -11.24
C VAL A 89 -14.44 8.09 -11.45
N GLY A 90 -14.96 6.98 -10.91
CA GLY A 90 -14.39 5.67 -11.19
C GLY A 90 -13.11 5.35 -10.44
N VAL A 91 -12.92 5.94 -9.26
CA VAL A 91 -11.76 5.70 -8.40
C VAL A 91 -12.28 5.11 -7.10
N ARG A 92 -11.81 3.93 -6.74
CA ARG A 92 -12.38 3.21 -5.61
C ARG A 92 -11.72 3.60 -4.28
N ILE A 93 -12.42 3.28 -3.19
CA ILE A 93 -11.94 3.50 -1.82
C ILE A 93 -11.83 2.15 -1.11
N TYR A 94 -10.65 1.91 -0.51
CA TYR A 94 -10.39 0.72 0.30
C TYR A 94 -10.08 1.15 1.72
N VAL A 95 -10.78 0.56 2.68
CA VAL A 95 -10.65 0.97 4.08
C VAL A 95 -9.64 0.10 4.80
N ASP A 96 -8.80 0.76 5.61
CA ASP A 96 -7.91 0.09 6.57
C ASP A 96 -8.73 -0.27 7.80
N ALA A 97 -9.08 -1.56 7.89
CA ALA A 97 -9.97 -2.09 8.91
C ALA A 97 -9.15 -2.63 10.08
N VAL A 98 -9.28 -1.96 11.22
CA VAL A 98 -8.53 -2.28 12.42
C VAL A 98 -9.49 -3.05 13.32
N ILE A 99 -9.46 -4.38 13.22
CA ILE A 99 -10.48 -5.26 13.78
C ILE A 99 -9.91 -6.33 14.70
N ASN A 100 -8.58 -6.43 14.86
CA ASN A 100 -8.02 -7.41 15.77
C ASN A 100 -8.16 -6.97 17.22
N HIS A 101 -8.18 -5.67 17.46
CA HIS A 101 -7.96 -5.12 18.79
C HIS A 101 -8.68 -3.79 18.93
N MET A 102 -8.82 -3.37 20.20
CA MET A 102 -9.12 -1.99 20.55
C MET A 102 -7.81 -1.31 20.92
N CYS A 103 -7.77 -0.47 21.93
CA CYS A 103 -6.56 0.31 22.22
C CYS A 103 -5.65 -0.41 23.23
N GLY A 104 -4.53 0.24 23.54
CA GLY A 104 -3.60 -0.31 24.52
C GLY A 104 -4.26 -0.48 25.87
N ASN A 105 -3.91 -1.57 26.56
CA ASN A 105 -4.55 -1.89 27.83
C ASN A 105 -4.22 -0.88 28.92
N ALA A 106 -3.14 -0.11 28.78
CA ALA A 106 -2.71 0.85 29.79
C ALA A 106 -3.09 2.28 29.45
N VAL A 107 -3.82 2.51 28.36
CA VAL A 107 -4.26 3.86 28.04
C VAL A 107 -5.25 4.30 29.11
N SER A 108 -5.15 5.56 29.56
CA SER A 108 -6.02 6.05 30.60
C SER A 108 -7.46 6.17 30.13
N ALA A 109 -8.39 5.84 31.02
CA ALA A 109 -9.81 5.96 30.76
C ALA A 109 -10.22 7.42 30.67
N GLY A 110 -11.26 7.67 29.91
CA GLY A 110 -11.79 9.03 29.73
C GLY A 110 -12.34 9.22 28.32
N THR A 111 -12.29 10.46 27.85
CA THR A 111 -12.82 10.84 26.55
C THR A 111 -11.75 11.40 25.63
N SER A 112 -10.51 10.95 25.80
CA SER A 112 -9.40 11.36 24.92
C SER A 112 -9.45 10.50 23.67
N SER A 113 -10.40 10.83 22.82
CA SER A 113 -10.74 10.06 21.62
C SER A 113 -11.18 11.03 20.54
N THR A 114 -11.10 10.60 19.29
CA THR A 114 -11.29 11.55 18.19
C THR A 114 -12.74 12.00 18.01
N CYS A 115 -13.72 11.33 18.61
CA CYS A 115 -15.10 11.78 18.61
C CYS A 115 -15.60 12.06 20.02
N GLY A 116 -14.71 12.01 21.02
CA GLY A 116 -15.09 12.25 22.40
C GLY A 116 -15.86 11.13 23.06
N SER A 117 -15.91 9.94 22.47
CA SER A 117 -16.54 8.82 23.15
C SER A 117 -15.75 8.44 24.39
N TYR A 118 -16.46 8.04 25.43
CA TYR A 118 -15.84 7.48 26.64
C TYR A 118 -15.35 6.06 26.38
N PHE A 119 -14.23 5.72 27.01
CA PHE A 119 -13.72 4.35 26.99
C PHE A 119 -12.86 4.16 28.22
N ASN A 120 -12.77 2.90 28.68
CA ASN A 120 -12.03 2.57 29.89
C ASN A 120 -11.28 1.28 29.63
N PRO A 121 -10.03 1.38 29.16
CA PRO A 121 -9.29 0.15 28.82
C PRO A 121 -9.13 -0.80 29.99
N GLY A 122 -8.85 -0.26 31.17
CA GLY A 122 -8.63 -1.10 32.33
C GLY A 122 -9.82 -1.94 32.71
N SER A 123 -11.03 -1.43 32.51
N SER A 123 -11.03 -1.42 32.50
CA SER A 123 -12.23 -2.20 32.77
CA SER A 123 -12.25 -2.17 32.76
C SER A 123 -12.80 -2.86 31.51
C SER A 123 -12.79 -2.87 31.52
N ARG A 124 -12.10 -2.74 30.38
CA ARG A 124 -12.51 -3.37 29.12
C ARG A 124 -13.83 -2.80 28.61
N ASP A 125 -14.08 -1.53 28.85
N ASP A 125 -14.14 -1.56 28.94
CA ASP A 125 -15.37 -0.90 28.64
CA ASP A 125 -15.43 -0.97 28.59
C ASP A 125 -15.28 0.07 27.45
C ASP A 125 -15.27 0.03 27.45
N PHE A 126 -15.93 -0.27 26.34
CA PHE A 126 -15.99 0.58 25.16
C PHE A 126 -17.45 0.77 24.85
N PRO A 127 -18.14 1.63 25.59
CA PRO A 127 -19.61 1.68 25.48
C PRO A 127 -20.12 2.22 24.17
N ALA A 128 -19.29 2.88 23.37
CA ALA A 128 -19.77 3.39 22.09
C ALA A 128 -19.88 2.30 21.04
N VAL A 129 -19.38 1.10 21.31
CA VAL A 129 -19.54 -0.02 20.38
C VAL A 129 -20.92 -0.74 20.48
N PRO A 130 -21.27 -1.36 21.65
CA PRO A 130 -20.48 -1.52 22.87
C PRO A 130 -19.70 -2.84 22.95
N TYR A 131 -18.55 -2.78 23.60
CA TYR A 131 -17.82 -3.95 24.04
C TYR A 131 -17.62 -3.88 25.56
N SER A 132 -17.56 -5.04 26.19
CA SER A 132 -17.25 -5.17 27.60
C SER A 132 -16.16 -6.22 27.77
N GLY A 133 -15.83 -6.54 29.03
CA GLY A 133 -14.81 -7.54 29.28
C GLY A 133 -15.09 -8.89 28.67
N TRP A 134 -16.36 -9.22 28.46
CA TRP A 134 -16.75 -10.48 27.84
C TRP A 134 -16.26 -10.59 26.41
N ASP A 135 -15.88 -9.49 25.79
CA ASP A 135 -15.57 -9.42 24.37
C ASP A 135 -14.07 -9.44 24.06
N PHE A 136 -13.22 -9.69 25.07
CA PHE A 136 -11.76 -9.72 24.89
C PHE A 136 -11.22 -11.08 25.26
N ASN A 137 -9.98 -11.33 24.86
CA ASN A 137 -9.32 -12.62 24.98
C ASN A 137 -8.53 -12.81 26.29
N ASP A 138 -8.78 -11.99 27.31
CA ASP A 138 -8.07 -12.10 28.59
C ASP A 138 -8.03 -13.54 29.10
N GLY A 139 -9.17 -14.22 29.08
CA GLY A 139 -9.24 -15.55 29.64
C GLY A 139 -8.66 -16.63 28.77
N LYS A 140 -8.58 -16.40 27.47
CA LYS A 140 -8.11 -17.37 26.49
C LYS A 140 -6.60 -17.37 26.35
N CYS A 141 -5.97 -16.21 26.45
CA CYS A 141 -4.53 -16.10 26.34
C CYS A 141 -3.84 -16.85 27.47
N LYS A 142 -2.80 -17.61 27.14
CA LYS A 142 -2.10 -18.43 28.11
C LYS A 142 -0.74 -17.89 28.54
N THR A 143 -0.31 -16.71 28.08
CA THR A 143 1.01 -16.23 28.44
C THR A 143 1.00 -15.60 29.84
N GLY A 144 2.18 -15.59 30.45
CA GLY A 144 2.31 -15.00 31.77
C GLY A 144 2.07 -13.50 31.81
N SER A 145 2.38 -12.78 30.73
CA SER A 145 2.19 -11.34 30.67
C SER A 145 0.82 -10.94 30.13
N GLY A 146 0.13 -11.84 29.42
CA GLY A 146 -1.06 -11.49 28.66
C GLY A 146 -0.78 -10.93 27.29
N ASP A 147 0.48 -10.67 26.97
CA ASP A 147 0.88 -10.16 25.67
C ASP A 147 1.51 -11.29 24.87
N ILE A 148 1.71 -11.05 23.59
CA ILE A 148 2.46 -11.98 22.75
C ILE A 148 3.92 -11.93 23.16
N GLU A 149 4.48 -13.10 23.47
CA GLU A 149 5.86 -13.26 23.91
C GLU A 149 6.72 -14.05 22.94
N ASN A 150 6.14 -15.01 22.22
CA ASN A 150 6.91 -15.97 21.45
C ASN A 150 6.18 -16.26 20.14
N TYR A 151 6.74 -15.79 19.03
CA TYR A 151 6.14 -15.99 17.72
C TYR A 151 6.27 -17.41 17.21
N ASN A 152 7.03 -18.27 17.90
CA ASN A 152 7.04 -19.68 17.56
C ASN A 152 5.80 -20.42 18.07
N ASP A 153 4.94 -19.77 18.83
CA ASP A 153 3.69 -20.34 19.32
C ASP A 153 2.54 -19.66 18.58
N ALA A 154 2.03 -20.30 17.53
CA ALA A 154 1.00 -19.69 16.70
C ALA A 154 -0.29 -19.40 17.46
N THR A 155 -0.55 -20.09 18.57
CA THR A 155 -1.76 -19.82 19.33
C THR A 155 -1.69 -18.48 20.05
N GLN A 156 -0.60 -18.23 20.78
CA GLN A 156 -0.53 -16.96 21.49
C GLN A 156 -0.47 -15.77 20.55
N VAL A 157 0.06 -15.95 19.34
CA VAL A 157 0.12 -14.84 18.40
C VAL A 157 -1.28 -14.34 18.07
N ARG A 158 -2.26 -15.23 18.09
CA ARG A 158 -3.65 -14.92 17.80
C ARG A 158 -4.46 -14.55 19.03
N ASP A 159 -4.17 -15.14 20.19
CA ASP A 159 -5.07 -15.03 21.33
C ASP A 159 -4.60 -14.02 22.37
N CYS A 160 -3.37 -13.54 22.26
CA CYS A 160 -2.78 -12.64 23.25
C CYS A 160 -2.60 -11.24 22.66
N ARG A 161 -2.28 -10.29 23.54
CA ARG A 161 -2.27 -8.88 23.14
C ARG A 161 -1.00 -8.54 22.35
N LEU A 162 -1.18 -8.04 21.14
CA LEU A 162 -0.08 -7.52 20.35
C LEU A 162 0.43 -6.27 21.03
N THR A 163 1.63 -6.35 21.62
CA THR A 163 2.23 -5.25 22.38
C THR A 163 1.24 -4.54 23.28
N GLY A 164 0.39 -5.31 23.96
CA GLY A 164 -0.51 -4.75 24.93
C GLY A 164 -1.85 -4.27 24.41
N LEU A 165 -2.10 -4.33 23.10
CA LEU A 165 -3.38 -3.92 22.53
C LEU A 165 -4.46 -4.92 22.93
N LEU A 166 -5.57 -4.42 23.47
CA LEU A 166 -6.65 -5.28 23.93
C LEU A 166 -7.18 -6.13 22.77
N ASP A 167 -7.17 -7.44 22.94
CA ASP A 167 -7.36 -8.38 21.84
C ASP A 167 -8.81 -8.88 21.81
N LEU A 168 -9.52 -8.56 20.73
CA LEU A 168 -10.93 -8.90 20.65
C LEU A 168 -11.13 -10.40 20.51
N ALA A 169 -12.22 -10.89 21.13
CA ALA A 169 -12.58 -12.31 21.10
C ALA A 169 -13.33 -12.63 19.81
N LEU A 170 -12.56 -12.78 18.74
CA LEU A 170 -13.11 -12.90 17.39
C LEU A 170 -13.78 -14.23 17.14
N GLU A 171 -13.76 -15.17 18.10
CA GLU A 171 -14.58 -16.38 17.96
CA GLU A 171 -14.57 -16.36 17.94
C GLU A 171 -16.03 -16.12 18.26
N LYS A 172 -16.35 -15.04 18.94
CA LYS A 172 -17.70 -14.83 19.44
C LYS A 172 -18.57 -14.21 18.37
N ASP A 173 -19.78 -14.75 18.20
CA ASP A 173 -20.68 -14.20 17.20
C ASP A 173 -20.98 -12.73 17.47
N TYR A 174 -21.13 -12.33 18.73
CA TYR A 174 -21.41 -10.94 19.02
C TYR A 174 -20.32 -10.04 18.47
N VAL A 175 -19.06 -10.39 18.74
CA VAL A 175 -17.94 -9.57 18.30
C VAL A 175 -17.84 -9.56 16.78
N ARG A 176 -17.94 -10.75 16.17
CA ARG A 176 -17.94 -10.83 14.72
C ARG A 176 -19.05 -9.94 14.12
N SER A 177 -20.22 -9.93 14.78
N SER A 177 -20.21 -9.92 14.79
CA SER A 177 -21.35 -9.16 14.29
CA SER A 177 -21.34 -9.14 14.29
C SER A 177 -21.14 -7.66 14.44
C SER A 177 -21.10 -7.65 14.42
N LYS A 178 -20.46 -7.20 15.50
CA LYS A 178 -20.17 -5.78 15.63
C LYS A 178 -19.17 -5.33 14.58
N ILE A 179 -18.18 -6.17 14.31
CA ILE A 179 -17.22 -5.85 13.26
C ILE A 179 -17.90 -5.82 11.90
N ALA A 180 -18.75 -6.82 11.63
CA ALA A 180 -19.48 -6.83 10.36
C ALA A 180 -20.43 -5.66 10.22
N GLU A 181 -21.03 -5.21 11.33
CA GLU A 181 -21.89 -4.03 11.28
C GLU A 181 -21.11 -2.81 10.82
N TYR A 182 -19.90 -2.64 11.36
CA TYR A 182 -19.01 -1.56 10.92
C TYR A 182 -18.65 -1.70 9.44
N MET A 183 -18.19 -2.89 9.04
CA MET A 183 -17.74 -3.08 7.67
C MET A 183 -18.89 -2.95 6.67
N ASN A 184 -20.10 -3.42 7.05
CA ASN A 184 -21.25 -3.31 6.17
C ASN A 184 -21.75 -1.88 6.05
N HIS A 185 -21.60 -1.09 7.12
CA HIS A 185 -21.87 0.34 7.03
C HIS A 185 -21.00 0.94 5.92
N LEU A 186 -19.71 0.60 5.94
CA LEU A 186 -18.77 1.09 4.95
C LEU A 186 -19.07 0.57 3.55
N ILE A 187 -19.34 -0.72 3.41
CA ILE A 187 -19.73 -1.26 2.10
C ILE A 187 -20.94 -0.53 1.56
N ASP A 188 -21.95 -0.35 2.40
CA ASP A 188 -23.18 0.27 1.91
C ASP A 188 -22.99 1.75 1.57
N ILE A 189 -22.01 2.42 2.18
CA ILE A 189 -21.58 3.77 1.78
C ILE A 189 -20.95 3.76 0.39
N GLY A 190 -20.30 2.67 -0.01
CA GLY A 190 -19.70 2.56 -1.32
C GLY A 190 -18.25 2.13 -1.36
N VAL A 191 -17.67 1.70 -0.23
CA VAL A 191 -16.27 1.25 -0.26
CA VAL A 191 -16.29 1.23 -0.23
C VAL A 191 -16.17 -0.07 -1.04
N ALA A 192 -15.02 -0.25 -1.71
CA ALA A 192 -14.80 -1.38 -2.62
C ALA A 192 -14.07 -2.55 -1.97
N GLY A 193 -13.53 -2.37 -0.78
CA GLY A 193 -12.76 -3.42 -0.15
C GLY A 193 -12.01 -2.89 1.05
N PHE A 194 -11.16 -3.77 1.59
CA PHE A 194 -10.53 -3.56 2.88
C PHE A 194 -9.13 -4.13 2.92
N ARG A 195 -8.26 -3.38 3.60
CA ARG A 195 -7.04 -3.89 4.19
C ARG A 195 -7.40 -4.41 5.57
N LEU A 196 -7.12 -5.68 5.86
CA LEU A 196 -7.38 -6.20 7.22
C LEU A 196 -6.08 -6.10 8.00
N ASP A 197 -6.03 -5.09 8.88
CA ASP A 197 -4.85 -4.83 9.70
C ASP A 197 -4.56 -6.00 10.62
N ALA A 198 -3.27 -6.29 10.82
CA ALA A 198 -2.84 -7.23 11.86
C ALA A 198 -3.46 -8.63 11.66
N SER A 199 -3.56 -9.06 10.40
CA SER A 199 -4.21 -10.33 10.11
C SER A 199 -3.46 -11.54 10.68
N LYS A 200 -2.12 -11.48 10.82
CA LYS A 200 -1.42 -12.60 11.44
C LYS A 200 -1.92 -12.86 12.85
N HIS A 201 -2.48 -11.83 13.49
CA HIS A 201 -2.95 -11.89 14.86
C HIS A 201 -4.39 -12.34 14.98
N MET A 202 -4.97 -12.77 13.86
CA MET A 202 -6.34 -13.29 13.81
C MET A 202 -6.29 -14.68 13.19
N TRP A 203 -7.16 -15.56 13.67
CA TRP A 203 -7.27 -16.88 13.09
C TRP A 203 -7.89 -16.77 11.69
N PRO A 204 -7.36 -17.48 10.72
CA PRO A 204 -7.99 -17.49 9.38
C PRO A 204 -9.49 -17.74 9.41
N GLY A 205 -9.93 -18.68 10.25
CA GLY A 205 -11.34 -19.02 10.31
C GLY A 205 -12.22 -17.98 10.97
N ASP A 206 -11.66 -17.19 11.89
CA ASP A 206 -12.41 -16.06 12.43
C ASP A 206 -12.57 -14.96 11.38
N ILE A 207 -11.51 -14.67 10.64
CA ILE A 207 -11.62 -13.73 9.52
C ILE A 207 -12.70 -14.22 8.56
N LYS A 208 -12.66 -15.51 8.20
CA LYS A 208 -13.64 -16.05 7.28
C LYS A 208 -15.07 -15.85 7.79
N ALA A 209 -15.30 -16.10 9.08
CA ALA A 209 -16.63 -15.96 9.65
C ALA A 209 -17.11 -14.51 9.58
N ILE A 210 -16.22 -13.56 9.76
CA ILE A 210 -16.58 -12.15 9.60
C ILE A 210 -16.89 -11.85 8.15
N LEU A 211 -16.04 -12.30 7.24
CA LEU A 211 -16.25 -12.04 5.82
C LEU A 211 -17.57 -12.63 5.34
N ASP A 212 -17.99 -13.76 5.92
CA ASP A 212 -19.26 -14.38 5.54
C ASP A 212 -20.46 -13.53 5.90
N LYS A 213 -20.30 -12.56 6.79
CA LYS A 213 -21.36 -11.63 7.15
C LYS A 213 -21.39 -10.38 6.28
N LEU A 214 -20.44 -10.21 5.35
CA LEU A 214 -20.38 -8.96 4.62
C LEU A 214 -21.30 -8.95 3.40
N HIS A 215 -21.80 -7.77 3.09
CA HIS A 215 -22.61 -7.52 1.93
C HIS A 215 -21.78 -7.57 0.66
N ASN A 216 -22.48 -7.72 -0.46
CA ASN A 216 -21.91 -7.38 -1.75
C ASN A 216 -21.84 -5.86 -1.90
N LEU A 217 -21.03 -5.41 -2.85
CA LEU A 217 -20.78 -3.98 -3.01
C LEU A 217 -22.04 -3.22 -3.43
N ASN A 218 -22.03 -1.91 -3.15
CA ASN A 218 -23.21 -1.10 -3.35
C ASN A 218 -23.61 -1.10 -4.83
N SER A 219 -24.84 -1.53 -5.09
CA SER A 219 -25.26 -1.83 -6.44
C SER A 219 -25.62 -0.58 -7.24
N ASN A 220 -25.53 0.61 -6.63
CA ASN A 220 -25.61 1.82 -7.43
C ASN A 220 -24.35 2.05 -8.25
N TRP A 221 -23.22 1.51 -7.82
CA TRP A 221 -21.95 1.69 -8.53
C TRP A 221 -21.36 0.41 -9.06
N PHE A 222 -21.66 -0.75 -8.49
CA PHE A 222 -20.98 -1.98 -8.80
C PHE A 222 -21.97 -3.00 -9.33
N PRO A 223 -21.53 -3.89 -10.22
CA PRO A 223 -22.43 -4.94 -10.71
C PRO A 223 -22.94 -5.80 -9.58
N ALA A 224 -24.13 -6.39 -9.78
CA ALA A 224 -24.70 -7.26 -8.77
C ALA A 224 -23.73 -8.38 -8.41
N GLY A 225 -23.66 -8.70 -7.11
CA GLY A 225 -22.87 -9.83 -6.68
C GLY A 225 -21.37 -9.57 -6.58
N SER A 226 -20.93 -8.32 -6.61
CA SER A 226 -19.52 -8.00 -6.46
C SER A 226 -19.10 -8.17 -5.00
N LYS A 227 -18.06 -8.87 -4.76
CA LYS A 227 -17.55 -9.07 -3.41
C LYS A 227 -16.49 -8.02 -3.07
N PRO A 228 -16.45 -7.55 -1.82
CA PRO A 228 -15.36 -6.64 -1.43
C PRO A 228 -14.00 -7.27 -1.67
N PHE A 229 -13.08 -6.47 -2.19
CA PHE A 229 -11.68 -6.86 -2.26
C PHE A 229 -11.13 -6.95 -0.86
N ILE A 230 -10.43 -8.04 -0.55
CA ILE A 230 -9.85 -8.26 0.77
C ILE A 230 -8.36 -8.46 0.61
N TYR A 231 -7.54 -7.61 1.25
CA TYR A 231 -6.12 -7.87 1.34
C TYR A 231 -5.73 -7.85 2.81
N GLN A 232 -5.19 -8.96 3.26
CA GLN A 232 -4.87 -9.20 4.65
C GLN A 232 -3.42 -8.83 4.93
N GLU A 233 -3.20 -7.95 5.92
CA GLU A 233 -1.83 -7.60 6.31
C GLU A 233 -1.29 -8.75 7.14
N VAL A 234 -0.57 -9.64 6.50
CA VAL A 234 0.12 -10.74 7.14
C VAL A 234 1.60 -10.49 6.92
N ILE A 235 2.33 -10.25 8.00
CA ILE A 235 3.76 -10.05 7.91
C ILE A 235 4.40 -11.43 8.03
N ASP A 236 4.90 -11.97 6.92
CA ASP A 236 5.46 -13.33 6.87
C ASP A 236 6.76 -13.23 6.08
N LEU A 237 7.87 -13.19 6.79
CA LEU A 237 9.19 -13.16 6.17
C LEU A 237 9.87 -14.51 6.23
N GLY A 238 9.12 -15.56 6.51
CA GLY A 238 9.67 -16.87 6.73
C GLY A 238 10.12 -17.07 8.18
N GLY A 239 10.51 -18.30 8.48
CA GLY A 239 11.13 -18.52 9.78
C GLY A 239 10.22 -18.49 10.99
N GLU A 240 8.92 -18.38 10.80
CA GLU A 240 7.91 -18.46 11.86
C GLU A 240 6.88 -19.48 11.44
N PRO A 241 6.17 -20.09 12.40
CA PRO A 241 5.16 -21.09 12.02
C PRO A 241 4.01 -20.53 11.20
N ILE A 242 3.57 -19.30 11.44
CA ILE A 242 2.43 -18.76 10.70
C ILE A 242 2.86 -18.42 9.28
N LYS A 243 2.16 -18.97 8.31
CA LYS A 243 2.40 -18.73 6.90
C LYS A 243 1.22 -17.98 6.30
N SER A 244 1.49 -17.02 5.43
CA SER A 244 0.39 -16.27 4.86
CA SER A 244 0.42 -16.26 4.82
C SER A 244 -0.53 -17.13 4.00
N SER A 245 -0.06 -18.27 3.51
CA SER A 245 -0.92 -19.17 2.74
C SER A 245 -2.11 -19.65 3.54
N ASP A 246 -2.03 -19.64 4.87
CA ASP A 246 -3.19 -20.04 5.67
C ASP A 246 -4.38 -19.10 5.46
N TYR A 247 -4.14 -17.92 4.89
CA TYR A 247 -5.15 -16.88 4.72
C TYR A 247 -5.68 -16.80 3.29
N PHE A 248 -5.25 -17.68 2.38
CA PHE A 248 -5.64 -17.55 0.98
C PHE A 248 -7.13 -17.77 0.74
N GLY A 249 -7.82 -18.52 1.59
CA GLY A 249 -9.26 -18.71 1.41
C GLY A 249 -10.09 -17.48 1.72
N ASN A 250 -9.46 -16.44 2.26
CA ASN A 250 -10.17 -15.21 2.62
C ASN A 250 -9.97 -14.06 1.64
N GLY A 251 -8.87 -14.04 0.93
CA GLY A 251 -8.51 -12.87 0.13
C GLY A 251 -7.04 -12.90 -0.21
N ARG A 252 -6.57 -11.79 -0.76
CA ARG A 252 -5.15 -11.61 -0.98
C ARG A 252 -4.43 -11.36 0.36
N VAL A 253 -3.10 -11.39 0.31
CA VAL A 253 -2.23 -11.08 1.42
C VAL A 253 -1.18 -10.08 0.95
N THR A 254 -0.77 -9.22 1.87
CA THR A 254 0.40 -8.39 1.67
C THR A 254 1.63 -9.28 1.56
N GLU A 255 2.43 -9.09 0.52
CA GLU A 255 3.69 -9.83 0.37
C GLU A 255 4.84 -8.91 0.80
N PHE A 256 5.17 -8.96 2.10
CA PHE A 256 6.27 -8.14 2.61
C PHE A 256 7.64 -8.61 2.12
N LYS A 257 7.78 -9.84 1.67
CA LYS A 257 9.06 -10.25 1.13
C LYS A 257 9.41 -9.47 -0.14
N TYR A 258 8.38 -8.95 -0.84
CA TYR A 258 8.57 -8.25 -2.10
C TYR A 258 9.45 -7.02 -1.93
N GLY A 259 9.03 -6.09 -1.08
CA GLY A 259 9.81 -4.89 -0.90
C GLY A 259 11.11 -5.13 -0.17
N ALA A 260 11.12 -6.11 0.73
CA ALA A 260 12.35 -6.43 1.45
C ALA A 260 13.41 -6.90 0.48
N LYS A 261 13.07 -7.84 -0.40
CA LYS A 261 14.04 -8.35 -1.36
C LYS A 261 14.35 -7.34 -2.45
N LEU A 262 13.35 -6.59 -2.92
CA LEU A 262 13.64 -5.61 -3.95
C LEU A 262 14.58 -4.54 -3.41
N GLY A 263 14.43 -4.17 -2.14
CA GLY A 263 15.34 -3.26 -1.51
C GLY A 263 16.75 -3.80 -1.39
N THR A 264 16.89 -5.06 -0.97
N THR A 264 16.91 -5.05 -0.98
CA THR A 264 18.24 -5.63 -0.89
CA THR A 264 18.29 -5.55 -0.88
C THR A 264 18.88 -5.72 -2.27
C THR A 264 18.91 -5.82 -2.25
N VAL A 265 18.10 -6.05 -3.30
CA VAL A 265 18.64 -6.15 -4.65
C VAL A 265 19.11 -4.79 -5.15
N ILE A 266 18.23 -3.78 -5.05
CA ILE A 266 18.57 -2.46 -5.59
C ILE A 266 19.68 -1.78 -4.78
N ARG A 267 19.78 -2.05 -3.48
CA ARG A 267 20.90 -1.59 -2.68
C ARG A 267 22.15 -2.43 -2.86
N LYS A 268 22.05 -3.57 -3.55
CA LYS A 268 23.18 -4.46 -3.83
C LYS A 268 23.76 -5.04 -2.55
N TRP A 269 22.88 -5.30 -1.58
CA TRP A 269 23.32 -5.91 -0.33
C TRP A 269 23.63 -7.38 -0.55
N ASN A 270 24.68 -7.83 0.14
CA ASN A 270 25.04 -9.25 0.20
C ASN A 270 25.24 -9.84 -1.19
N GLY A 271 25.81 -9.06 -2.08
CA GLY A 271 26.09 -9.56 -3.41
C GLY A 271 24.90 -9.67 -4.33
N GLU A 272 23.71 -9.21 -3.91
CA GLU A 272 22.55 -9.28 -4.80
C GLU A 272 22.69 -8.26 -5.92
N LYS A 273 22.02 -8.55 -7.02
CA LYS A 273 22.09 -7.67 -8.18
C LYS A 273 20.88 -7.86 -9.06
N MET A 274 20.63 -6.85 -9.89
CA MET A 274 19.39 -6.83 -10.66
C MET A 274 19.31 -7.97 -11.67
N SER A 275 20.44 -8.49 -12.13
CA SER A 275 20.37 -9.63 -13.06
C SER A 275 19.65 -10.82 -12.44
N TYR A 276 19.62 -10.94 -11.11
CA TYR A 276 18.93 -12.03 -10.44
C TYR A 276 17.42 -11.92 -10.55
N LEU A 277 16.89 -10.76 -10.95
CA LEU A 277 15.45 -10.53 -11.00
C LEU A 277 14.78 -11.18 -12.20
N LYS A 278 15.52 -11.92 -13.02
CA LYS A 278 14.89 -12.54 -14.18
C LYS A 278 13.72 -13.43 -13.78
N ASN A 279 13.85 -14.16 -12.67
CA ASN A 279 12.81 -15.06 -12.19
C ASN A 279 12.03 -14.49 -11.00
N TRP A 280 12.00 -13.16 -10.88
CA TRP A 280 11.20 -12.50 -9.86
C TRP A 280 9.77 -13.03 -9.82
N GLY A 281 9.25 -13.23 -8.61
CA GLY A 281 7.93 -13.81 -8.41
C GLY A 281 8.01 -15.01 -7.48
N GLU A 282 7.18 -16.04 -7.76
CA GLU A 282 7.17 -17.22 -6.89
C GLU A 282 8.53 -17.89 -6.77
N GLY A 283 9.39 -17.74 -7.79
CA GLY A 283 10.73 -18.30 -7.69
C GLY A 283 11.56 -17.72 -6.57
N TRP A 284 11.20 -16.55 -6.07
CA TRP A 284 11.87 -15.95 -4.92
C TRP A 284 11.24 -16.34 -3.60
N GLY A 285 10.31 -17.29 -3.59
CA GLY A 285 9.64 -17.69 -2.39
C GLY A 285 8.36 -16.94 -2.08
N PHE A 286 7.85 -16.16 -3.02
CA PHE A 286 6.69 -15.31 -2.78
C PHE A 286 5.40 -16.10 -2.96
N VAL A 287 4.32 -15.54 -2.45
CA VAL A 287 2.99 -16.13 -2.63
C VAL A 287 2.61 -16.12 -4.10
N PRO A 288 1.60 -16.89 -4.51
CA PRO A 288 1.14 -16.79 -5.89
C PRO A 288 0.77 -15.36 -6.23
N SER A 289 1.04 -14.97 -7.48
CA SER A 289 0.76 -13.62 -7.94
C SER A 289 -0.69 -13.22 -7.71
N ASP A 290 -1.63 -14.13 -7.95
CA ASP A 290 -3.05 -13.84 -7.79
C ASP A 290 -3.51 -13.75 -6.34
N ARG A 291 -2.62 -13.92 -5.38
CA ARG A 291 -2.90 -13.67 -3.98
C ARG A 291 -2.06 -12.56 -3.38
N ALA A 292 -1.27 -11.86 -4.19
CA ALA A 292 -0.32 -10.88 -3.68
C ALA A 292 -0.83 -9.45 -3.85
N LEU A 293 -0.66 -8.69 -2.78
CA LEU A 293 -0.70 -7.23 -2.78
C LEU A 293 0.73 -6.81 -2.53
N VAL A 294 1.34 -6.11 -3.51
CA VAL A 294 2.75 -5.80 -3.49
C VAL A 294 2.95 -4.29 -3.40
N PHE A 295 4.14 -3.90 -2.97
CA PHE A 295 4.50 -2.53 -2.65
C PHE A 295 5.99 -2.52 -2.36
N VAL A 296 6.61 -1.36 -2.56
CA VAL A 296 8.00 -1.16 -2.22
C VAL A 296 8.16 -0.88 -0.74
N ASP A 297 7.34 0.01 -0.20
CA ASP A 297 7.28 0.38 1.21
C ASP A 297 5.83 0.54 1.61
N ASN A 298 5.58 0.46 2.93
CA ASN A 298 4.30 0.82 3.50
C ASN A 298 4.50 1.82 4.61
N HIS A 299 3.39 2.21 5.22
CA HIS A 299 3.44 3.30 6.17
C HIS A 299 4.28 2.94 7.41
N ASP A 300 4.31 1.68 7.82
CA ASP A 300 5.14 1.29 8.97
C ASP A 300 6.60 1.11 8.59
N ASN A 301 6.88 0.34 7.55
CA ASN A 301 8.26 -0.02 7.27
C ASN A 301 9.03 1.08 6.54
N GLN A 302 8.37 2.14 6.08
CA GLN A 302 9.13 3.28 5.59
C GLN A 302 9.82 4.03 6.71
N ARG A 303 9.52 3.70 7.96
CA ARG A 303 10.20 4.28 9.10
C ARG A 303 11.39 3.44 9.57
N GLY A 304 11.70 2.33 8.90
CA GLY A 304 12.99 1.68 9.01
C GLY A 304 13.08 0.52 9.96
N HIS A 305 12.09 0.29 10.79
CA HIS A 305 12.16 -0.88 11.65
C HIS A 305 10.86 -1.66 11.58
N GLY A 306 10.34 -1.80 10.38
CA GLY A 306 9.24 -2.68 10.12
C GLY A 306 9.74 -3.93 9.43
N ALA A 307 8.83 -4.60 8.73
CA ALA A 307 9.18 -5.82 8.00
C ALA A 307 10.10 -5.45 6.85
N GLY A 308 11.35 -5.94 6.90
CA GLY A 308 12.42 -5.57 5.98
C GLY A 308 13.47 -4.65 6.58
N GLY A 309 13.19 -4.06 7.75
CA GLY A 309 14.17 -3.20 8.38
C GLY A 309 14.75 -2.17 7.44
N ALA A 310 16.07 -2.06 7.48
CA ALA A 310 16.78 -1.01 6.79
C ALA A 310 16.85 -1.26 5.29
N SER A 311 16.47 -2.44 4.78
CA SER A 311 16.54 -2.64 3.33
C SER A 311 15.47 -1.85 2.59
N ILE A 312 14.38 -1.48 3.28
CA ILE A 312 13.23 -0.88 2.60
C ILE A 312 13.62 0.45 1.99
N LEU A 313 13.31 0.62 0.71
CA LEU A 313 13.48 1.89 0.01
C LEU A 313 12.27 2.78 0.19
N THR A 314 12.51 4.08 0.34
CA THR A 314 11.47 5.06 0.59
C THR A 314 11.74 6.33 -0.22
N PHE A 315 10.80 7.28 -0.12
CA PHE A 315 10.97 8.56 -0.79
C PHE A 315 12.25 9.28 -0.37
N TRP A 316 12.78 8.99 0.83
CA TRP A 316 14.03 9.60 1.26
C TRP A 316 15.18 9.16 0.38
N ASP A 317 15.06 7.99 -0.23
CA ASP A 317 16.01 7.42 -1.19
C ASP A 317 15.52 7.62 -2.61
N ALA A 318 15.17 8.86 -2.96
CA ALA A 318 14.29 9.10 -4.11
C ALA A 318 14.78 8.43 -5.39
N ARG A 319 16.06 8.57 -5.74
CA ARG A 319 16.54 8.03 -7.01
C ARG A 319 16.37 6.52 -7.10
N LEU A 320 16.84 5.79 -6.09
CA LEU A 320 16.68 4.33 -6.09
C LEU A 320 15.21 3.93 -5.91
N TYR A 321 14.47 4.71 -5.14
CA TYR A 321 13.05 4.43 -4.91
C TYR A 321 12.27 4.48 -6.21
N LYS A 322 12.50 5.51 -7.03
CA LYS A 322 11.77 5.59 -8.29
C LYS A 322 12.06 4.39 -9.15
N MET A 323 13.31 3.92 -9.13
CA MET A 323 13.66 2.74 -9.91
C MET A 323 12.97 1.49 -9.38
N ALA A 324 12.94 1.31 -8.06
CA ALA A 324 12.26 0.15 -7.49
C ALA A 324 10.77 0.17 -7.80
N VAL A 325 10.12 1.33 -7.64
CA VAL A 325 8.71 1.46 -7.95
C VAL A 325 8.49 1.19 -9.43
N GLY A 326 9.40 1.64 -10.28
CA GLY A 326 9.27 1.42 -11.71
C GLY A 326 9.38 -0.05 -12.07
N PHE A 327 10.34 -0.76 -11.47
CA PHE A 327 10.44 -2.20 -11.68
C PHE A 327 9.14 -2.88 -11.27
N MET A 328 8.64 -2.55 -10.07
CA MET A 328 7.41 -3.15 -9.59
C MET A 328 6.25 -2.91 -10.55
N LEU A 329 6.08 -1.65 -10.99
CA LEU A 329 4.95 -1.30 -11.83
C LEU A 329 5.04 -1.91 -13.22
N ALA A 330 6.25 -2.19 -13.71
CA ALA A 330 6.41 -2.82 -15.00
C ALA A 330 6.22 -4.34 -14.94
N HIS A 331 6.55 -4.95 -13.81
CA HIS A 331 6.59 -6.40 -13.70
C HIS A 331 5.20 -6.97 -13.45
N PRO A 332 4.80 -8.07 -14.10
CA PRO A 332 3.40 -8.52 -13.97
C PRO A 332 3.04 -9.08 -12.61
N TYR A 333 3.98 -9.43 -11.75
CA TYR A 333 3.61 -10.07 -10.47
C TYR A 333 2.80 -9.14 -9.56
N GLY A 334 1.68 -9.66 -9.04
CA GLY A 334 0.96 -9.02 -7.96
C GLY A 334 0.04 -7.89 -8.40
N PHE A 335 -0.74 -7.43 -7.43
CA PHE A 335 -1.55 -6.21 -7.56
C PHE A 335 -0.82 -5.11 -6.78
N THR A 336 -0.54 -4.01 -7.46
CA THR A 336 0.38 -2.98 -6.98
C THR A 336 -0.28 -1.85 -6.17
N ARG A 337 0.35 -1.54 -5.05
CA ARG A 337 0.01 -0.37 -4.24
C ARG A 337 1.20 0.58 -4.18
N VAL A 338 0.94 1.83 -4.53
CA VAL A 338 1.91 2.92 -4.45
CA VAL A 338 1.94 2.89 -4.43
C VAL A 338 1.70 3.65 -3.14
N MET A 339 2.78 3.99 -2.46
CA MET A 339 2.74 4.74 -1.23
C MET A 339 2.70 6.24 -1.54
N SER A 340 1.98 6.99 -0.71
CA SER A 340 2.03 8.46 -0.76
C SER A 340 2.16 8.96 0.67
N SER A 341 3.22 9.71 0.95
CA SER A 341 3.71 9.93 2.30
C SER A 341 3.69 11.40 2.68
N TYR A 342 4.00 11.65 3.95
CA TYR A 342 4.35 12.98 4.41
C TYR A 342 5.78 12.99 4.94
N ARG A 343 6.36 14.18 4.90
CA ARG A 343 7.69 14.38 5.42
C ARG A 343 7.59 14.61 6.93
N TRP A 344 8.60 14.12 7.63
CA TRP A 344 8.73 14.34 9.06
C TRP A 344 10.21 14.55 9.34
N PRO A 345 10.56 15.08 10.55
CA PRO A 345 11.98 15.38 10.87
C PRO A 345 12.70 14.12 11.34
N ARG A 346 13.07 13.28 10.37
CA ARG A 346 13.73 12.01 10.66
C ARG A 346 15.08 12.29 11.30
N GLN A 347 15.36 11.63 12.44
CA GLN A 347 16.54 11.91 13.26
C GLN A 347 17.07 10.59 13.81
N PHE A 348 18.10 10.06 13.16
CA PHE A 348 18.65 8.77 13.55
C PHE A 348 19.63 8.93 14.70
N GLN A 349 19.46 8.10 15.72
CA GLN A 349 20.42 7.98 16.82
C GLN A 349 20.66 6.50 17.03
N ASN A 350 21.92 6.08 16.92
CA ASN A 350 22.29 4.66 17.01
C ASN A 350 21.48 3.82 16.03
N GLY A 351 21.29 4.38 14.83
CA GLY A 351 20.69 3.65 13.74
C GLY A 351 19.18 3.60 13.77
N ASN A 352 18.52 4.38 14.63
CA ASN A 352 17.07 4.37 14.74
C ASN A 352 16.49 5.78 14.86
N ASP A 353 15.35 5.99 14.22
CA ASP A 353 14.76 7.32 14.07
C ASP A 353 13.89 7.66 15.29
N VAL A 354 14.36 8.62 16.10
CA VAL A 354 13.62 8.96 17.31
C VAL A 354 12.35 9.73 17.03
N ASN A 355 12.15 10.22 15.80
CA ASN A 355 10.93 10.91 15.40
C ASN A 355 10.04 10.05 14.50
N ASP A 356 10.19 8.72 14.57
CA ASP A 356 9.39 7.84 13.75
C ASP A 356 7.92 7.82 14.13
N TRP A 357 7.55 8.39 15.27
CA TRP A 357 6.18 8.49 15.72
C TRP A 357 5.43 9.67 15.13
N VAL A 358 6.14 10.67 14.60
CA VAL A 358 5.52 11.95 14.28
C VAL A 358 4.37 11.70 13.31
N GLY A 359 3.24 12.36 13.59
CA GLY A 359 2.05 12.27 12.80
C GLY A 359 2.08 13.19 11.62
N PRO A 360 0.97 13.25 10.88
CA PRO A 360 0.90 14.03 9.64
C PRO A 360 1.08 15.51 9.90
N PRO A 361 1.43 16.28 8.87
CA PRO A 361 1.55 17.73 8.99
C PRO A 361 0.31 18.31 9.63
N ASN A 362 0.51 19.21 10.59
CA ASN A 362 -0.62 19.67 11.40
C ASN A 362 -0.33 21.02 11.99
N ASN A 363 -1.42 21.73 12.30
CA ASN A 363 -1.39 22.94 13.09
C ASN A 363 -2.17 22.65 14.36
N ASN A 364 -1.47 22.60 15.49
CA ASN A 364 -2.08 22.28 16.78
C ASN A 364 -2.93 21.01 16.72
N GLY A 365 -2.44 19.99 16.01
CA GLY A 365 -3.13 18.72 15.92
C GLY A 365 -4.13 18.59 14.81
N VAL A 366 -4.46 19.68 14.13
CA VAL A 366 -5.40 19.66 12.99
C VAL A 366 -4.59 19.39 11.72
N ILE A 367 -4.92 18.29 11.02
CA ILE A 367 -4.16 17.91 9.84
C ILE A 367 -4.24 19.00 8.79
N LYS A 368 -3.10 19.34 8.20
CA LYS A 368 -3.05 20.35 7.15
C LYS A 368 -3.64 19.86 5.84
N GLU A 369 -4.25 20.79 5.11
CA GLU A 369 -4.68 20.52 3.75
C GLU A 369 -3.51 20.11 2.86
N VAL A 370 -3.83 19.36 1.80
CA VAL A 370 -2.86 19.12 0.73
C VAL A 370 -2.99 20.26 -0.26
N THR A 371 -1.92 21.03 -0.43
CA THR A 371 -1.89 22.09 -1.42
C THR A 371 -1.17 21.57 -2.65
N ILE A 372 -1.60 22.04 -3.81
CA ILE A 372 -1.04 21.63 -5.09
C ILE A 372 -0.27 22.80 -5.68
N ASN A 373 0.99 22.59 -5.97
CA ASN A 373 1.85 23.61 -6.54
C ASN A 373 1.67 23.68 -8.06
N PRO A 374 2.06 24.80 -8.68
CA PRO A 374 1.93 24.88 -10.15
C PRO A 374 2.67 23.77 -10.89
N ASP A 375 3.78 23.24 -10.38
CA ASP A 375 4.47 22.16 -11.07
C ASP A 375 3.86 20.78 -10.80
N THR A 376 2.71 20.72 -10.12
CA THR A 376 1.91 19.54 -9.79
C THR A 376 2.45 18.74 -8.59
N THR A 377 3.52 19.19 -7.95
CA THR A 377 3.90 18.65 -6.66
C THR A 377 2.98 19.19 -5.58
N CYS A 378 3.15 18.70 -4.34
CA CYS A 378 2.33 19.12 -3.22
C CYS A 378 3.14 19.97 -2.25
N GLY A 379 2.43 20.85 -1.55
CA GLY A 379 3.00 21.60 -0.46
C GLY A 379 2.58 21.04 0.89
N ASN A 380 2.85 21.83 1.93
CA ASN A 380 2.50 21.50 3.31
C ASN A 380 3.12 20.20 3.79
N ASP A 381 4.28 19.84 3.25
CA ASP A 381 5.06 18.69 3.70
C ASP A 381 4.46 17.35 3.29
N TRP A 382 3.48 17.35 2.40
CA TRP A 382 3.03 16.11 1.78
C TRP A 382 3.98 15.80 0.64
N VAL A 383 4.50 14.58 0.61
CA VAL A 383 5.47 14.19 -0.41
C VAL A 383 4.81 13.95 -1.76
N CYS A 384 3.64 13.33 -1.76
CA CYS A 384 2.92 13.06 -3.01
C CYS A 384 3.77 12.33 -4.04
N GLU A 385 4.35 11.20 -3.62
CA GLU A 385 5.10 10.37 -4.55
C GLU A 385 4.27 10.00 -5.77
N HIS A 386 2.96 9.83 -5.58
CA HIS A 386 2.10 9.39 -6.67
C HIS A 386 1.95 10.45 -7.76
N ARG A 387 2.35 11.70 -7.48
CA ARG A 387 2.43 12.76 -8.47
C ARG A 387 3.82 12.93 -9.07
N TRP A 388 4.85 12.24 -8.59
CA TRP A 388 6.14 12.31 -9.27
C TRP A 388 5.98 11.78 -10.69
N ARG A 389 6.51 12.50 -11.68
CA ARG A 389 6.34 12.08 -13.07
C ARG A 389 6.73 10.63 -13.27
N GLN A 390 7.85 10.22 -12.69
CA GLN A 390 8.43 8.92 -12.93
C GLN A 390 7.58 7.81 -12.34
N ILE A 391 6.79 8.11 -11.31
CA ILE A 391 5.89 7.14 -10.69
C ILE A 391 4.51 7.17 -11.37
N ARG A 392 3.90 8.34 -11.50
CA ARG A 392 2.63 8.46 -12.21
C ARG A 392 2.71 7.85 -13.60
N ASN A 393 3.81 8.09 -14.33
CA ASN A 393 3.88 7.55 -15.69
C ASN A 393 4.04 6.04 -15.69
N MET A 394 4.61 5.47 -14.64
CA MET A 394 4.67 4.02 -14.50
C MET A 394 3.36 3.42 -14.05
N VAL A 395 2.54 4.14 -13.29
CA VAL A 395 1.17 3.71 -13.03
C VAL A 395 0.40 3.57 -14.34
N ILE A 396 0.62 4.53 -15.25
CA ILE A 396 0.00 4.48 -16.57
C ILE A 396 0.59 3.35 -17.41
N PHE A 397 1.93 3.18 -17.37
CA PHE A 397 2.56 2.05 -18.06
C PHE A 397 1.87 0.74 -17.69
N ARG A 398 1.63 0.51 -16.40
CA ARG A 398 1.06 -0.75 -15.96
C ARG A 398 -0.34 -0.94 -16.54
N ASN A 399 -1.13 0.13 -16.61
CA ASN A 399 -2.42 0.06 -17.28
C ASN A 399 -2.28 -0.31 -18.74
N VAL A 400 -1.36 0.35 -19.45
CA VAL A 400 -1.21 0.15 -20.89
C VAL A 400 -0.83 -1.28 -21.22
N VAL A 401 0.00 -1.92 -20.39
CA VAL A 401 0.53 -3.25 -20.67
C VAL A 401 -0.25 -4.36 -19.99
N ASP A 402 -1.36 -4.03 -19.34
CA ASP A 402 -2.12 -5.01 -18.57
C ASP A 402 -2.40 -6.25 -19.40
N GLY A 403 -2.13 -7.43 -18.83
CA GLY A 403 -2.37 -8.69 -19.48
C GLY A 403 -1.26 -9.20 -20.37
N GLN A 404 -0.26 -8.39 -20.68
CA GLN A 404 0.78 -8.79 -21.60
C GLN A 404 1.84 -9.59 -20.85
N PRO A 405 2.45 -10.57 -21.50
CA PRO A 405 3.43 -11.42 -20.81
C PRO A 405 4.77 -10.73 -20.61
N PHE A 406 5.47 -11.18 -19.57
CA PHE A 406 6.87 -10.86 -19.36
C PHE A 406 7.71 -11.52 -20.46
N THR A 407 8.50 -10.74 -21.18
CA THR A 407 9.23 -11.27 -22.33
C THR A 407 10.45 -10.40 -22.60
N ASN A 408 11.31 -10.87 -23.50
CA ASN A 408 12.46 -10.10 -23.98
C ASN A 408 13.36 -9.63 -22.84
N TRP A 409 13.57 -10.50 -21.85
CA TRP A 409 14.51 -10.16 -20.78
C TRP A 409 15.94 -10.11 -21.30
N TYR A 410 16.68 -9.10 -20.84
CA TYR A 410 18.11 -8.95 -21.05
C TYR A 410 18.79 -8.63 -19.73
N ASP A 411 19.99 -9.16 -19.53
CA ASP A 411 20.84 -8.66 -18.47
C ASP A 411 22.31 -8.79 -18.86
N ASN A 412 23.14 -7.96 -18.22
CA ASN A 412 24.59 -7.97 -18.42
C ASN A 412 25.34 -8.78 -17.36
N GLY A 413 24.64 -9.64 -16.61
CA GLY A 413 25.24 -10.39 -15.52
C GLY A 413 25.56 -9.57 -14.30
N SER A 414 25.14 -8.32 -14.28
CA SER A 414 25.41 -7.44 -13.16
C SER A 414 24.12 -6.69 -12.83
N ASN A 415 24.03 -5.38 -13.12
CA ASN A 415 22.86 -4.58 -12.75
C ASN A 415 22.30 -3.78 -13.91
N GLN A 416 22.55 -4.20 -15.14
CA GLN A 416 21.92 -3.61 -16.32
C GLN A 416 20.97 -4.66 -16.87
N VAL A 417 19.68 -4.36 -16.81
CA VAL A 417 18.62 -5.32 -17.16
C VAL A 417 17.53 -4.60 -17.94
N ALA A 418 16.75 -5.39 -18.66
CA ALA A 418 15.63 -4.85 -19.43
C ALA A 418 14.64 -5.96 -19.64
N PHE A 419 13.37 -5.56 -19.83
CA PHE A 419 12.37 -6.53 -20.24
C PHE A 419 11.19 -5.82 -20.86
N GLY A 420 10.39 -6.62 -21.57
CA GLY A 420 9.17 -6.14 -22.20
C GLY A 420 7.92 -6.77 -21.60
N ARG A 421 6.80 -6.16 -21.96
CA ARG A 421 5.47 -6.65 -21.67
C ARG A 421 4.77 -6.82 -23.00
N GLY A 422 4.85 -8.04 -23.52
CA GLY A 422 4.30 -8.36 -24.84
C GLY A 422 4.79 -7.37 -25.87
N ASN A 423 3.86 -6.86 -26.67
CA ASN A 423 4.18 -5.86 -27.68
C ASN A 423 3.74 -4.47 -27.26
N ARG A 424 3.52 -4.24 -25.95
CA ARG A 424 2.95 -2.99 -25.49
C ARG A 424 3.88 -2.11 -24.64
N GLY A 425 4.95 -2.64 -24.06
CA GLY A 425 5.86 -1.81 -23.28
C GLY A 425 7.20 -2.44 -23.13
N PHE A 426 8.21 -1.62 -22.80
CA PHE A 426 9.58 -2.08 -22.64
C PHE A 426 10.25 -1.14 -21.65
N ILE A 427 11.10 -1.69 -20.78
CA ILE A 427 11.74 -0.91 -19.72
C ILE A 427 13.19 -1.39 -19.57
N VAL A 428 14.08 -0.43 -19.28
CA VAL A 428 15.51 -0.68 -19.25
C VAL A 428 16.08 0.02 -18.01
N PHE A 429 16.92 -0.69 -17.27
CA PHE A 429 17.48 -0.21 -15.99
C PHE A 429 19.00 -0.30 -16.02
N ASN A 430 19.64 0.74 -15.49
CA ASN A 430 21.09 0.70 -15.25
C ASN A 430 21.37 1.01 -13.78
N ASN A 431 21.59 -0.03 -12.98
CA ASN A 431 22.01 0.18 -11.59
C ASN A 431 23.47 -0.25 -11.38
N ASP A 432 24.30 -0.24 -12.42
CA ASP A 432 25.73 -0.45 -12.28
C ASP A 432 26.42 0.91 -12.17
N ASP A 433 27.68 0.86 -11.75
CA ASP A 433 28.50 2.06 -11.64
C ASP A 433 29.21 2.42 -12.96
N TRP A 434 28.67 2.04 -14.08
CA TRP A 434 29.18 2.51 -15.37
C TRP A 434 27.98 2.65 -16.31
N SER A 435 28.22 3.29 -17.44
N SER A 435 28.24 3.04 -17.56
CA SER A 435 27.12 3.65 -18.32
CA SER A 435 27.19 3.30 -18.56
C SER A 435 26.65 2.43 -19.09
C SER A 435 26.61 2.01 -19.18
N PHE A 436 25.39 2.46 -19.47
N PHE A 436 25.39 2.16 -19.72
CA PHE A 436 24.80 1.47 -20.35
CA PHE A 436 24.59 1.08 -20.33
C PHE A 436 24.66 2.09 -21.72
C PHE A 436 24.18 1.59 -21.71
N SER A 437 24.96 1.31 -22.74
CA SER A 437 24.70 1.73 -24.12
CA SER A 437 24.69 1.72 -24.11
C SER A 437 24.64 0.48 -24.98
N LEU A 438 23.44 0.12 -25.44
CA LEU A 438 23.28 -1.14 -26.14
C LEU A 438 21.99 -1.11 -26.95
N THR A 439 21.99 -1.81 -28.06
CA THR A 439 20.78 -2.05 -28.83
C THR A 439 20.11 -3.31 -28.31
N LEU A 440 18.83 -3.21 -28.01
CA LEU A 440 18.04 -4.27 -27.41
C LEU A 440 16.80 -4.58 -28.25
N GLN A 441 16.41 -5.84 -28.25
CA GLN A 441 15.11 -6.23 -28.82
C GLN A 441 14.00 -5.80 -27.85
N THR A 442 13.08 -4.96 -28.34
CA THR A 442 12.03 -4.39 -27.50
C THR A 442 10.68 -5.08 -27.59
N GLY A 443 10.45 -5.88 -28.64
CA GLY A 443 9.12 -6.44 -28.89
C GLY A 443 8.07 -5.46 -29.40
N LEU A 444 8.41 -4.18 -29.58
CA LEU A 444 7.44 -3.17 -29.93
C LEU A 444 7.41 -2.91 -31.43
N PRO A 445 6.27 -2.43 -31.95
CA PRO A 445 6.22 -1.98 -33.35
C PRO A 445 7.19 -0.82 -33.60
N ALA A 446 7.66 -0.75 -34.85
CA ALA A 446 8.59 0.30 -35.24
C ALA A 446 7.98 1.68 -35.00
N GLY A 447 8.83 2.63 -34.65
CA GLY A 447 8.37 4.00 -34.48
C GLY A 447 9.23 4.75 -33.49
N THR A 448 8.81 5.97 -33.19
CA THR A 448 9.48 6.83 -32.22
C THR A 448 8.64 6.85 -30.96
N TYR A 449 9.27 6.56 -29.83
CA TYR A 449 8.59 6.48 -28.54
C TYR A 449 9.19 7.47 -27.56
N CYS A 450 8.32 8.12 -26.80
CA CYS A 450 8.78 8.95 -25.71
C CYS A 450 9.11 8.12 -24.48
N ASP A 451 10.28 8.35 -23.92
CA ASP A 451 10.59 7.84 -22.59
C ASP A 451 9.73 8.56 -21.57
N VAL A 452 8.94 7.79 -20.80
CA VAL A 452 8.01 8.39 -19.85
C VAL A 452 8.65 8.59 -18.47
N ILE A 453 9.92 8.26 -18.33
CA ILE A 453 10.64 8.54 -17.08
C ILE A 453 11.25 9.93 -17.11
N SER A 454 12.02 10.23 -18.17
CA SER A 454 12.63 11.55 -18.34
C SER A 454 11.65 12.60 -18.84
N GLY A 455 10.50 12.20 -19.37
CA GLY A 455 9.57 13.16 -19.92
C GLY A 455 8.18 12.61 -20.14
N ASP A 456 7.47 13.22 -21.09
CA ASP A 456 6.08 12.92 -21.38
C ASP A 456 5.88 13.09 -22.87
N LYS A 457 4.84 12.44 -23.38
CA LYS A 457 4.31 12.73 -24.70
C LYS A 457 3.27 13.83 -24.54
N ILE A 458 3.56 15.00 -25.11
CA ILE A 458 2.68 16.16 -25.02
C ILE A 458 2.67 16.83 -26.38
N ASN A 459 1.48 17.11 -26.89
CA ASN A 459 1.30 17.77 -28.19
C ASN A 459 2.09 17.09 -29.31
N GLY A 460 2.01 15.75 -29.36
CA GLY A 460 2.62 15.03 -30.45
C GLY A 460 4.13 15.10 -30.48
N ASN A 461 4.74 15.42 -29.33
CA ASN A 461 6.18 15.47 -29.19
C ASN A 461 6.58 14.90 -27.84
N CYS A 462 7.85 14.55 -27.71
CA CYS A 462 8.41 14.07 -26.46
C CYS A 462 9.14 15.20 -25.75
N THR A 463 8.95 15.30 -24.43
CA THR A 463 9.66 16.35 -23.68
C THR A 463 11.00 15.88 -23.13
N GLY A 464 11.29 14.58 -23.18
CA GLY A 464 12.54 14.03 -22.72
C GLY A 464 13.17 13.17 -23.78
N ILE A 465 13.75 12.06 -23.33
CA ILE A 465 14.44 11.14 -24.23
C ILE A 465 13.44 10.56 -25.22
N LYS A 466 13.90 10.38 -26.46
CA LYS A 466 13.18 9.70 -27.53
C LYS A 466 13.92 8.41 -27.88
N ILE A 467 13.16 7.34 -28.10
CA ILE A 467 13.70 6.03 -28.44
C ILE A 467 13.17 5.66 -29.83
N TYR A 468 14.05 5.17 -30.69
CA TYR A 468 13.69 4.86 -32.08
C TYR A 468 13.73 3.35 -32.26
N VAL A 469 12.57 2.75 -32.50
CA VAL A 469 12.46 1.31 -32.68
C VAL A 469 12.41 1.01 -34.18
N SER A 470 13.26 0.07 -34.62
CA SER A 470 13.39 -0.30 -36.02
C SER A 470 12.35 -1.34 -36.41
N ASP A 471 12.31 -1.67 -37.71
CA ASP A 471 11.38 -2.69 -38.21
C ASP A 471 11.58 -4.04 -37.55
N ASP A 472 12.79 -4.32 -37.07
CA ASP A 472 13.11 -5.58 -36.40
C ASP A 472 12.75 -5.58 -34.92
N GLY A 473 12.19 -4.49 -34.38
CA GLY A 473 11.90 -4.39 -32.97
C GLY A 473 13.06 -3.92 -32.11
N LYS A 474 14.22 -3.68 -32.70
CA LYS A 474 15.39 -3.29 -31.92
C LYS A 474 15.46 -1.77 -31.75
N ALA A 475 16.02 -1.34 -30.63
CA ALA A 475 16.23 0.08 -30.36
C ALA A 475 17.48 0.26 -29.52
N HIS A 476 18.14 1.39 -29.70
CA HIS A 476 19.32 1.71 -28.94
C HIS A 476 18.96 2.48 -27.67
N PHE A 477 19.51 2.05 -26.54
CA PHE A 477 19.30 2.69 -25.25
C PHE A 477 20.64 3.09 -24.67
N SER A 478 20.71 4.32 -24.16
N SER A 478 20.71 4.32 -24.16
CA SER A 478 21.90 4.83 -23.51
CA SER A 478 21.92 4.83 -23.52
C SER A 478 21.51 5.44 -22.18
C SER A 478 21.52 5.45 -22.18
N ILE A 479 22.07 4.93 -21.09
CA ILE A 479 21.75 5.39 -19.75
C ILE A 479 23.08 5.52 -19.02
N SER A 480 23.47 6.76 -18.75
CA SER A 480 24.68 6.96 -17.94
C SER A 480 24.39 6.60 -16.50
N ASN A 481 25.40 6.07 -15.83
CA ASN A 481 25.23 5.90 -14.38
C ASN A 481 25.10 7.23 -13.64
N SER A 482 25.32 8.38 -14.31
CA SER A 482 25.08 9.71 -13.73
C SER A 482 23.70 10.29 -14.05
N ALA A 483 22.85 9.58 -14.75
CA ALA A 483 21.55 10.12 -15.11
C ALA A 483 20.68 10.42 -13.88
N GLU A 484 19.84 11.46 -13.99
CA GLU A 484 18.88 11.77 -12.93
C GLU A 484 18.07 10.52 -12.55
N ASP A 485 17.53 9.83 -13.54
CA ASP A 485 16.85 8.56 -13.34
C ASP A 485 17.53 7.54 -14.25
N PRO A 486 18.16 6.49 -13.72
CA PRO A 486 18.90 5.57 -14.60
C PRO A 486 18.02 4.44 -15.11
N PHE A 487 16.83 4.78 -15.59
CA PHE A 487 15.95 3.82 -16.25
C PHE A 487 15.10 4.57 -17.25
N ILE A 488 14.72 3.85 -18.31
CA ILE A 488 13.92 4.35 -19.43
C ILE A 488 12.74 3.40 -19.61
N ALA A 489 11.57 3.95 -19.85
CA ALA A 489 10.38 3.13 -20.10
C ALA A 489 9.60 3.73 -21.27
N ILE A 490 9.15 2.86 -22.19
CA ILE A 490 8.38 3.27 -23.37
C ILE A 490 7.20 2.32 -23.51
N HIS A 491 6.10 2.80 -24.08
CA HIS A 491 4.94 1.94 -24.23
C HIS A 491 4.08 2.42 -25.39
N ALA A 492 3.05 1.62 -25.68
CA ALA A 492 2.22 1.86 -26.86
C ALA A 492 1.59 3.24 -26.87
N GLU A 493 1.24 3.79 -25.72
N GLU A 493 1.24 3.78 -25.71
CA GLU A 493 0.62 5.11 -25.69
CA GLU A 493 0.62 5.10 -25.64
C GLU A 493 1.63 6.24 -25.56
C GLU A 493 1.63 6.23 -25.47
N SER A 494 2.93 5.95 -25.56
CA SER A 494 3.96 6.98 -25.64
C SER A 494 4.58 7.05 -27.02
N LYS A 495 4.06 6.28 -27.97
CA LYS A 495 4.53 6.31 -29.35
C LYS A 495 4.00 7.55 -30.06
N LEU A 496 4.87 8.20 -30.83
CA LEU A 496 4.45 9.38 -31.62
C LEU A 496 3.71 8.96 -32.86
CL CL B . 0.17 -3.02 4.59
CA CA C . -5.90 -11.54 18.14
N ZXU D . 3.60 1.66 17.50
CA ZXU D . 4.63 1.97 18.48
CB ZXU D . 4.07 2.47 19.83
CG ZXU D . 3.10 1.49 20.48
CD1 ZXU D . 1.74 1.54 20.18
CE1 ZXU D . 0.85 0.65 20.78
CZ ZXU D . 1.31 -0.31 21.65
OH ZXU D . 0.40 -1.17 22.21
CE2 ZXU D . 2.67 -0.37 21.98
CD2 ZXU D . 3.58 0.52 21.38
C ZXU D . 5.53 0.80 18.78
OXT ZXU D . 6.67 0.99 19.17
N1 ZXU D . 5.02 -0.43 18.61
C2 ZXU D . 5.77 -1.67 18.83
C3 ZXU D . 6.33 -2.15 17.50
C4 ZXU D . 5.32 -2.31 16.37
C7 ZXU D . 2.17 -2.21 16.78
C8 ZXU D . 3.15 -3.19 16.26
C9 ZXU D . 2.71 -4.03 15.12
O7 ZXU D . 1.45 -3.91 14.66
C11 ZXU D . 0.52 -3.02 15.15
C12 ZXU D . 0.82 -2.16 16.19
C19 ZXU D . 3.51 -5.09 14.47
C20 ZXU D . 2.91 -6.34 14.43
C21 ZXU D . 3.57 -7.41 13.86
C22 ZXU D . 4.83 -7.23 13.33
C23 ZXU D . 5.45 -5.97 13.38
C24 ZXU D . 4.79 -4.90 13.96
O25 ZXU D . 2.99 -8.63 13.82
O26 ZXU D . 5.50 -8.28 12.77
C33 ZXU D . -0.72 -3.02 14.57
C34 ZXU D . -1.65 -2.13 15.03
C35 ZXU D . -1.39 -1.27 16.10
C36 ZXU D . -0.14 -1.28 16.67
O37 ZXU D . 4.39 -3.27 16.79
O38 ZXU D . 2.46 -1.44 17.71
O39 ZXU D . 0.16 -0.44 17.69
O40 ZXU D . -2.87 -2.07 14.48
C41 ZXU D . 3.90 1.30 16.26
C42 ZXU D . 2.80 0.87 15.35
C43 ZXU D . 3.09 0.17 14.24
O45 ZXU D . 5.06 1.31 15.85
C54 ZXU D . 2.11 -0.38 13.29
C55 ZXU D . 0.80 0.07 13.22
C56 ZXU D . -0.09 -0.49 12.30
C57 ZXU D . 0.35 -1.54 11.46
C58 ZXU D . 1.64 -1.96 11.55
C59 ZXU D . 2.53 -1.38 12.44
O60 ZXU D . -0.47 -2.17 10.55
O61 ZXU D . 2.05 -2.99 10.76
H3 ZXU D . 2.64 1.71 17.80
HA ZXU D . 5.25 2.77 18.07
HB2 ZXU D . 4.89 2.66 20.51
HB3 ZXU D . 3.56 3.41 19.66
HD1 ZXU D . 1.38 2.28 19.49
HE1 ZXU D . -0.20 0.70 20.53
HH ZXU D . 0.40 -1.06 23.17
HE2 ZXU D . 3.03 -1.12 22.67
HD2 ZXU D . 4.63 0.47 21.62
HN1 ZXU D . 4.07 -0.52 18.29
H21 ZXU D . 6.59 -1.48 19.54
H2 ZXU D . 5.11 -2.43 19.27
H31 ZXU D . 7.11 -1.46 17.17
H32 ZXU D . 6.82 -3.12 17.66
H41 ZXU D . 4.82 -1.35 16.18
H4 ZXU D . 5.82 -2.63 15.45
H20 ZXU D . 1.92 -6.47 14.85
H23 ZXU D . 6.44 -5.84 12.97
H24 ZXU D . 5.25 -3.91 13.99
HO25 ZXU D . 3.54 -9.26 14.31
HO26 ZXU D . 4.95 -9.08 12.81
H33 ZXU D . -0.95 -3.68 13.75
H35 ZXU D . -2.14 -0.58 16.43
HO39 ZXU D . -0.43 -0.62 18.44
HO40 ZXU D . -2.79 -1.85 13.54
H42 ZXU D . 1.77 1.02 15.59
H43 ZXU D . 4.11 -0.12 14.17
H55 ZXU D . 0.47 0.89 13.86
H56 ZXU D . -1.12 -0.16 12.26
H59 ZXU D . 3.56 -1.74 12.49
HO60 ZXU D . -1.35 -1.79 10.58
HO61 ZXU D . 2.78 -2.70 10.19
C1 MPD E . -0.18 -1.29 26.01
C2 MPD E . 0.08 0.17 26.33
O2 MPD E . -1.18 0.73 26.57
CM MPD E . 1.02 0.24 27.55
C3 MPD E . 0.77 0.87 25.15
C4 MPD E . 1.12 2.33 25.46
O4 MPD E . 1.64 2.93 24.30
C5 MPD E . -0.11 3.11 25.92
H11 MPD E . -0.78 -1.36 25.25
H12 MPD E . -0.59 -1.73 26.77
H13 MPD E . 0.66 -1.73 25.78
HO2 MPD E . -1.38 0.64 27.40
HM1 MPD E . 1.06 1.15 27.87
HM2 MPD E . 1.91 -0.06 27.28
HM3 MPD E . 0.68 -0.34 28.25
H31 MPD E . 1.58 0.38 24.94
H32 MPD E . 0.17 0.84 24.38
H4 MPD E . 1.79 2.35 26.16
HO4 MPD E . 1.07 2.85 23.67
H51 MPD E . -0.90 2.74 25.49
H52 MPD E . -0.20 3.05 26.88
H53 MPD E . -0.02 4.04 25.66
C1 NAG F . 6.60 19.14 -32.25
C2 NAG F . 5.44 20.00 -32.67
C3 NAG F . 5.79 20.77 -33.94
C4 NAG F . 7.07 21.56 -33.72
C5 NAG F . 8.19 20.64 -33.25
C6 NAG F . 9.46 21.38 -32.89
C7 NAG F . 4.03 18.26 -33.73
C8 NAG F . 2.68 17.60 -33.70
N2 NAG F . 4.22 19.23 -32.82
O3 NAG F . 4.74 21.68 -34.20
O4 NAG F . 7.48 22.19 -34.93
O5 NAG F . 7.77 19.96 -32.06
O6 NAG F . 9.27 22.24 -31.77
O7 NAG F . 4.90 17.95 -34.55
H1 NAG F . 6.79 18.49 -32.95
H2 NAG F . 5.29 20.66 -31.96
H3 NAG F . 5.90 20.15 -34.69
H4 NAG F . 6.91 22.25 -33.04
H5 NAG F . 8.38 19.99 -33.95
H61 NAG F . 9.74 21.91 -33.66
H62 NAG F . 10.16 20.73 -32.69
H81 NAG F . 2.53 17.19 -32.82
H82 NAG F . 2.64 16.92 -34.39
H83 NAG F . 1.99 18.28 -33.86
HN2 NAG F . 3.54 19.40 -32.24
HO3 NAG F . 3.99 21.23 -34.37
HO4 NAG F . 8.30 22.52 -34.83
HO6 NAG F . 9.96 22.17 -31.23
#